data_3L0B
#
_entry.id   3L0B
#
_cell.length_a   124.666
_cell.length_b   78.187
_cell.length_c   62.585
_cell.angle_alpha   90.00
_cell.angle_beta   112.34
_cell.angle_gamma   90.00
#
_symmetry.space_group_name_H-M   'C 1 2 1'
#
loop_
_entity.id
_entity.type
_entity.pdbx_description
1 polymer 'Carboxy-terminal domain RNA polymerase II polypeptide A small phosphatase 1'
2 non-polymer 'MAGNESIUM ION'
3 non-polymer 2-(2-{2-[2-(2-METHOXY-ETHOXY)-ETHOXY]-ETHOXY}-ETHOXY)-ETHANOL
4 water water
#
_entity_poly.entity_id   1
_entity_poly.type   'polypeptide(L)'
_entity_poly.pdbx_seq_one_letter_code
;GSHGQYLLPEAKAQDSDKICVVI(PHD)LDETLVHSSFKPVNNADFIIPVEIDGVVHQVYVLKRPHVDEFLQRMGELFEC
VLFTASLAKYADPVADLLDKWGAFRARLFRESCVFHRGNYVKDLSRLGRDLRRVLILANSPASYVFHPDNAVPVASWFDN
MSDTELHDLLPFFEQLSRVDDVYSVLRQ
;
_entity_poly.pdbx_strand_id   A,B
#
# COMPACT_ATOMS: atom_id res chain seq x y z
N GLN A 5 0.44 10.93 11.04
CA GLN A 5 -0.88 11.65 10.93
C GLN A 5 -1.82 11.02 9.87
N TYR A 6 -3.12 10.95 10.19
CA TYR A 6 -4.08 10.35 9.26
C TYR A 6 -4.32 11.24 8.00
N LEU A 7 -4.80 10.66 6.89
CA LEU A 7 -5.08 11.47 5.70
C LEU A 7 -6.24 12.43 5.87
N LEU A 8 -7.21 12.09 6.73
CA LEU A 8 -8.37 12.98 6.99
C LEU A 8 -8.30 13.60 8.39
N PRO A 9 -8.83 14.84 8.54
CA PRO A 9 -9.12 15.33 9.93
C PRO A 9 -10.27 14.51 10.53
N GLU A 10 -10.47 14.65 11.85
CA GLU A 10 -11.68 14.11 12.49
C GLU A 10 -12.92 14.52 11.70
N ALA A 11 -13.90 13.63 11.58
CA ALA A 11 -15.16 13.95 10.90
C ALA A 11 -15.84 15.08 11.62
N LYS A 12 -16.37 16.02 10.85
CA LYS A 12 -17.23 17.05 11.41
C LYS A 12 -18.49 16.40 12.02
N ALA A 13 -19.16 17.15 12.90
CA ALA A 13 -20.39 16.64 13.57
C ALA A 13 -21.41 16.09 12.61
N GLN A 14 -21.67 16.77 11.51
CA GLN A 14 -22.67 16.24 10.61
C GLN A 14 -22.28 15.02 9.81
N ASP A 15 -21.03 14.58 9.90
CA ASP A 15 -20.52 13.44 9.16
C ASP A 15 -20.18 12.24 10.02
N SER A 16 -19.86 12.43 11.32
CA SER A 16 -19.25 11.29 12.01
C SER A 16 -20.13 10.11 12.21
N ASP A 17 -21.46 10.24 12.12
CA ASP A 17 -22.32 9.04 12.28
C ASP A 17 -22.39 8.32 10.91
N LYS A 18 -21.96 8.94 9.82
CA LYS A 18 -22.13 8.35 8.53
C LYS A 18 -20.95 7.46 8.13
N ILE A 19 -21.22 6.56 7.19
CA ILE A 19 -20.21 5.77 6.50
C ILE A 19 -19.40 6.73 5.62
N CYS A 20 -18.09 6.52 5.63
CA CYS A 20 -17.17 7.23 4.75
C CYS A 20 -17.10 6.50 3.40
N VAL A 21 -17.29 7.19 2.30
CA VAL A 21 -17.14 6.59 0.99
C VAL A 21 -16.03 7.31 0.22
N VAL A 22 -15.09 6.50 -0.20
CA VAL A 22 -13.93 7.00 -0.95
C VAL A 22 -14.24 6.74 -2.40
N ILE A 23 -14.21 7.81 -3.19
CA ILE A 23 -14.63 7.79 -4.59
C ILE A 23 -13.53 8.25 -5.54
N LEU A 25 -12.10 9.26 -9.32
CA LEU A 25 -12.59 10.22 -10.25
C LEU A 25 -12.60 9.62 -11.65
N ASP A 26 -11.44 9.17 -12.14
CA ASP A 26 -11.29 8.91 -13.57
C ASP A 26 -11.83 7.57 -13.94
N GLU A 27 -12.64 7.54 -14.99
CA GLU A 27 -13.33 6.34 -15.47
C GLU A 27 -14.37 5.76 -14.45
N THR A 28 -14.49 6.38 -13.29
CA THR A 28 -15.56 6.12 -12.39
C THR A 28 -16.64 7.19 -12.50
N LEU A 29 -16.30 8.47 -12.39
CA LEU A 29 -17.30 9.59 -12.42
C LEU A 29 -17.23 10.37 -13.69
N VAL A 30 -16.02 10.46 -14.26
CA VAL A 30 -15.83 11.20 -15.48
C VAL A 30 -14.81 10.49 -16.36
N HIS A 31 -14.62 11.01 -17.54
CA HIS A 31 -13.52 10.55 -18.34
C HIS A 31 -12.94 11.72 -19.06
N SER A 32 -11.64 11.86 -18.88
CA SER A 32 -10.86 13.02 -19.36
C SER A 32 -9.87 12.63 -20.44
N SER A 33 -9.62 13.52 -21.37
CA SER A 33 -8.67 13.24 -22.42
C SER A 33 -7.92 14.50 -22.91
N PHE A 34 -6.77 14.29 -23.56
CA PHE A 34 -6.05 15.36 -24.25
C PHE A 34 -6.48 15.46 -25.67
N LYS A 35 -7.10 14.39 -26.19
CA LYS A 35 -7.71 14.45 -27.51
C LYS A 35 -9.00 15.27 -27.47
N PRO A 36 -9.09 16.24 -28.33
CA PRO A 36 -10.24 17.11 -28.37
C PRO A 36 -11.57 16.31 -28.53
N VAL A 37 -12.53 16.60 -27.66
CA VAL A 37 -13.83 16.01 -27.73
C VAL A 37 -14.77 17.16 -28.07
N ASN A 38 -15.57 16.97 -29.09
CA ASN A 38 -16.65 17.88 -29.39
C ASN A 38 -17.80 17.79 -28.31
N ASN A 39 -18.44 18.92 -28.02
CA ASN A 39 -19.52 18.91 -27.01
C ASN A 39 -19.09 18.25 -25.67
N ALA A 40 -17.93 18.65 -25.16
CA ALA A 40 -17.43 18.21 -23.83
C ALA A 40 -18.29 18.81 -22.70
N ASP A 41 -18.31 18.14 -21.57
CA ASP A 41 -18.91 18.73 -20.40
C ASP A 41 -18.10 19.88 -19.84
N PHE A 42 -16.80 19.68 -19.60
CA PHE A 42 -15.87 20.73 -19.14
C PHE A 42 -14.60 20.61 -19.90
N ILE A 43 -13.87 21.71 -20.00
CA ILE A 43 -12.53 21.74 -20.60
C ILE A 43 -11.65 22.45 -19.57
N ILE A 44 -10.61 21.81 -19.08
CA ILE A 44 -9.80 22.54 -18.17
C ILE A 44 -8.34 22.72 -18.68
N PRO A 45 -7.82 23.95 -18.64
CA PRO A 45 -6.41 24.13 -19.06
C PRO A 45 -5.42 23.60 -18.00
N VAL A 46 -4.59 22.62 -18.33
CA VAL A 46 -3.58 22.15 -17.37
C VAL A 46 -2.14 22.48 -17.83
N GLU A 47 -1.37 23.09 -16.93
CA GLU A 47 0.00 23.46 -17.24
C GLU A 47 0.93 22.32 -17.03
N ILE A 48 1.65 21.93 -18.09
CA ILE A 48 2.63 20.83 -17.98
C ILE A 48 4.01 21.29 -18.52
N ASP A 49 5.00 21.41 -17.61
CA ASP A 49 6.34 21.98 -17.94
C ASP A 49 6.19 23.33 -18.65
N GLY A 50 5.41 24.24 -18.07
CA GLY A 50 5.24 25.56 -18.62
C GLY A 50 4.25 25.71 -19.79
N VAL A 51 3.76 24.64 -20.39
CA VAL A 51 2.85 24.80 -21.51
C VAL A 51 1.41 24.41 -21.10
N VAL A 52 0.45 25.25 -21.47
CA VAL A 52 -0.95 24.90 -21.21
C VAL A 52 -1.54 23.96 -22.30
N HIS A 53 -2.06 22.81 -21.86
CA HIS A 53 -2.86 21.92 -22.67
C HIS A 53 -4.34 21.83 -22.19
N GLN A 54 -5.28 21.70 -23.13
CA GLN A 54 -6.66 21.58 -22.79
C GLN A 54 -7.01 20.14 -22.46
N VAL A 55 -7.69 19.94 -21.33
CA VAL A 55 -8.15 18.58 -20.97
C VAL A 55 -9.68 18.55 -21.13
N TYR A 56 -10.15 17.66 -22.01
CA TYR A 56 -11.56 17.54 -22.38
C TYR A 56 -12.24 16.51 -21.47
N VAL A 57 -13.28 16.95 -20.72
CA VAL A 57 -13.87 16.13 -19.66
C VAL A 57 -15.31 15.78 -19.98
N LEU A 58 -15.63 14.49 -20.00
CA LEU A 58 -17.00 14.07 -20.16
C LEU A 58 -17.50 13.55 -18.80
N LYS A 59 -18.72 13.93 -18.38
CA LYS A 59 -19.36 13.36 -17.14
C LYS A 59 -20.01 12.02 -17.38
N ARG A 60 -19.80 11.02 -16.55
CA ARG A 60 -20.64 9.80 -16.71
C ARG A 60 -22.17 10.07 -16.56
N PRO A 61 -23.01 9.45 -17.40
CA PRO A 61 -24.44 9.74 -17.21
C PRO A 61 -24.91 9.47 -15.77
N HIS A 62 -25.75 10.38 -15.27
CA HIS A 62 -26.39 10.32 -13.96
C HIS A 62 -25.48 10.72 -12.83
N VAL A 63 -24.32 11.33 -13.11
CA VAL A 63 -23.34 11.61 -12.02
C VAL A 63 -23.86 12.73 -11.05
N ASP A 64 -24.61 13.68 -11.55
CA ASP A 64 -25.20 14.73 -10.74
C ASP A 64 -26.15 14.17 -9.71
N GLU A 65 -27.09 13.36 -10.17
CA GLU A 65 -28.01 12.69 -9.25
C GLU A 65 -27.20 11.86 -8.22
N PHE A 66 -26.23 11.08 -8.75
CA PHE A 66 -25.44 10.20 -7.93
C PHE A 66 -24.67 10.97 -6.90
N LEU A 67 -24.00 12.02 -7.28
CA LEU A 67 -23.19 12.76 -6.34
C LEU A 67 -23.99 13.49 -5.28
N GLN A 68 -25.05 14.15 -5.74
CA GLN A 68 -26.00 14.82 -4.86
C GLN A 68 -26.51 13.87 -3.78
N ARG A 69 -26.89 12.65 -4.15
CA ARG A 69 -27.47 11.74 -3.16
C ARG A 69 -26.39 11.11 -2.29
N MET A 70 -25.25 10.79 -2.89
CA MET A 70 -24.17 10.22 -2.08
C MET A 70 -23.73 11.24 -1.02
N GLY A 71 -23.71 12.53 -1.33
CA GLY A 71 -23.25 13.48 -0.29
C GLY A 71 -24.19 13.61 0.92
N GLU A 72 -25.46 13.27 0.75
CA GLU A 72 -26.37 13.07 1.87
C GLU A 72 -26.19 11.75 2.59
N LEU A 73 -26.07 10.66 1.85
CA LEU A 73 -25.96 9.31 2.47
C LEU A 73 -24.68 9.09 3.27
N PHE A 74 -23.63 9.82 2.89
CA PHE A 74 -22.26 9.48 3.33
C PHE A 74 -21.38 10.65 3.63
N GLU A 75 -20.28 10.42 4.35
CA GLU A 75 -19.15 11.34 4.33
C GLU A 75 -18.33 10.98 3.02
N CYS A 76 -18.54 11.73 1.95
CA CYS A 76 -17.83 11.42 0.70
C CYS A 76 -16.42 12.05 0.67
N VAL A 77 -15.45 11.30 0.09
CA VAL A 77 -14.07 11.72 -0.08
C VAL A 77 -13.59 11.39 -1.51
N LEU A 78 -13.14 12.42 -2.22
CA LEU A 78 -12.53 12.21 -3.51
C LEU A 78 -11.10 11.76 -3.19
N PHE A 79 -10.75 10.56 -3.72
CA PHE A 79 -9.42 9.95 -3.60
C PHE A 79 -9.02 9.46 -5.04
N THR A 80 -8.32 10.32 -5.76
CA THR A 80 -7.93 10.10 -7.14
C THR A 80 -6.39 9.81 -7.28
N ALA A 81 -5.99 9.10 -8.31
CA ALA A 81 -4.56 8.80 -8.55
C ALA A 81 -3.98 9.95 -9.35
N SER A 82 -4.84 10.90 -9.77
CA SER A 82 -4.41 11.97 -10.61
C SER A 82 -3.97 13.14 -9.76
N LEU A 83 -3.57 14.19 -10.42
CA LEU A 83 -2.85 15.20 -9.74
C LEU A 83 -3.79 16.32 -9.52
N ALA A 84 -3.70 16.97 -8.35
CA ALA A 84 -4.59 18.14 -7.99
C ALA A 84 -4.86 19.12 -9.11
N LYS A 85 -3.85 19.37 -9.96
CA LYS A 85 -3.97 20.51 -10.86
C LYS A 85 -4.97 20.19 -11.95
N TYR A 86 -5.23 18.90 -12.13
CA TYR A 86 -6.29 18.52 -13.01
C TYR A 86 -7.55 18.17 -12.16
N ALA A 87 -7.38 17.48 -11.03
CA ALA A 87 -8.55 16.94 -10.31
C ALA A 87 -9.36 18.06 -9.52
N ASP A 88 -8.66 18.99 -8.85
CA ASP A 88 -9.36 20.14 -8.24
C ASP A 88 -10.26 20.90 -9.19
N PRO A 89 -9.72 21.35 -10.35
CA PRO A 89 -10.65 22.12 -11.20
C PRO A 89 -11.82 21.28 -11.60
N VAL A 90 -11.59 20.00 -11.84
CA VAL A 90 -12.69 19.13 -12.26
C VAL A 90 -13.71 18.98 -11.10
N ALA A 91 -13.25 18.61 -9.91
CA ALA A 91 -14.15 18.50 -8.77
C ALA A 91 -14.93 19.81 -8.51
N ASP A 92 -14.32 20.98 -8.78
CA ASP A 92 -15.00 22.25 -8.50
C ASP A 92 -16.18 22.27 -9.38
N LEU A 93 -16.02 21.89 -10.65
CA LEU A 93 -17.13 21.99 -11.60
C LEU A 93 -18.19 20.89 -11.40
N LEU A 94 -17.76 19.75 -10.91
CA LEU A 94 -18.62 18.56 -10.79
C LEU A 94 -19.50 18.67 -9.53
N ASP A 95 -18.85 18.97 -8.40
CA ASP A 95 -19.44 18.96 -7.09
C ASP A 95 -20.19 20.27 -6.77
N LYS A 96 -21.35 20.39 -7.36
CA LYS A 96 -22.33 21.41 -7.12
C LYS A 96 -22.91 21.44 -5.69
N TRP A 97 -22.66 20.45 -4.83
CA TRP A 97 -23.45 20.30 -3.58
C TRP A 97 -22.64 20.22 -2.33
N GLY A 98 -21.32 20.27 -2.47
CA GLY A 98 -20.42 20.14 -1.29
C GLY A 98 -20.34 18.67 -0.93
N ALA A 99 -20.66 17.78 -1.88
CA ALA A 99 -20.62 16.33 -1.57
C ALA A 99 -19.28 15.85 -1.04
N PHE A 100 -18.18 16.34 -1.64
CA PHE A 100 -16.83 15.91 -1.25
C PHE A 100 -16.37 16.74 -0.05
N ARG A 101 -16.17 16.04 1.07
CA ARG A 101 -15.79 16.63 2.31
C ARG A 101 -14.28 16.74 2.33
N ALA A 102 -13.57 15.84 1.61
CA ALA A 102 -12.14 16.09 1.44
C ALA A 102 -11.71 15.67 0.02
N ARG A 103 -10.52 16.11 -0.39
CA ARG A 103 -9.94 15.67 -1.66
C ARG A 103 -8.52 15.19 -1.38
N LEU A 104 -8.21 13.99 -1.89
CA LEU A 104 -6.94 13.32 -1.76
C LEU A 104 -6.51 12.88 -3.16
N PHE A 105 -5.21 13.09 -3.42
CA PHE A 105 -4.70 13.05 -4.77
C PHE A 105 -3.61 11.99 -4.88
N ARG A 106 -2.81 12.09 -5.97
CA ARG A 106 -1.69 11.17 -6.25
C ARG A 106 -0.74 10.93 -5.08
N GLU A 107 -0.12 11.95 -4.54
CA GLU A 107 0.69 11.77 -3.29
C GLU A 107 0.07 10.95 -2.19
N SER A 108 -1.27 10.92 -2.11
CA SER A 108 -1.89 10.21 -0.98
C SER A 108 -2.08 8.74 -1.28
N CYS A 109 -1.91 8.33 -2.55
CA CYS A 109 -1.91 6.90 -2.89
C CYS A 109 -0.62 6.22 -2.49
N VAL A 110 -0.65 4.90 -2.43
CA VAL A 110 0.55 4.12 -2.33
C VAL A 110 0.77 3.37 -3.63
N PHE A 111 1.90 3.67 -4.26
CA PHE A 111 2.32 3.02 -5.50
C PHE A 111 2.84 1.62 -5.16
N HIS A 112 2.10 0.63 -5.59
CA HIS A 112 2.38 -0.74 -5.19
C HIS A 112 2.28 -1.53 -6.48
N ARG A 113 3.41 -2.17 -6.81
CA ARG A 113 3.52 -3.02 -7.98
C ARG A 113 2.95 -2.35 -9.21
N GLY A 114 3.30 -1.09 -9.46
CA GLY A 114 2.85 -0.44 -10.68
C GLY A 114 1.45 0.14 -10.65
N ASN A 115 0.79 0.00 -9.48
CA ASN A 115 -0.60 0.38 -9.27
C ASN A 115 -0.72 1.42 -8.15
N TYR A 116 -1.64 2.35 -8.36
CA TYR A 116 -1.97 3.33 -7.33
C TYR A 116 -3.09 2.86 -6.45
N VAL A 117 -2.71 2.45 -5.26
CA VAL A 117 -3.60 1.88 -4.29
C VAL A 117 -4.09 2.97 -3.27
N LYS A 118 -5.41 3.00 -3.08
CA LYS A 118 -6.05 3.80 -2.04
C LYS A 118 -5.98 2.97 -0.78
N ASP A 119 -5.16 3.38 0.15
CA ASP A 119 -4.96 2.57 1.34
C ASP A 119 -5.90 3.20 2.42
N LEU A 120 -7.00 2.49 2.67
CA LEU A 120 -8.10 3.00 3.47
C LEU A 120 -7.68 3.09 4.94
N SER A 121 -6.69 2.27 5.31
CA SER A 121 -6.08 2.29 6.63
C SER A 121 -5.44 3.60 7.02
N ARG A 122 -5.07 4.46 6.09
CA ARG A 122 -4.47 5.73 6.49
C ARG A 122 -5.53 6.85 6.58
N LEU A 123 -6.76 6.51 6.24
CA LEU A 123 -7.84 7.48 6.33
C LEU A 123 -8.06 8.04 7.76
N GLY A 124 -8.13 7.19 8.78
CA GLY A 124 -8.58 7.66 10.09
C GLY A 124 -10.09 7.46 10.29
N ARG A 125 -10.61 6.37 9.76
CA ARG A 125 -11.99 6.01 9.90
C ARG A 125 -12.03 4.53 10.18
N ASP A 126 -12.95 4.14 11.04
CA ASP A 126 -13.09 2.76 11.41
C ASP A 126 -13.36 1.96 10.14
N LEU A 127 -12.56 0.96 9.85
CA LEU A 127 -12.72 0.29 8.54
C LEU A 127 -14.12 -0.36 8.35
N ARG A 128 -14.89 -0.55 9.44
CA ARG A 128 -16.25 -1.18 9.31
C ARG A 128 -17.24 -0.19 8.69
N ARG A 129 -16.86 1.07 8.65
CA ARG A 129 -17.71 2.08 8.13
C ARG A 129 -16.96 2.89 7.04
N VAL A 130 -16.25 2.18 6.14
CA VAL A 130 -15.59 2.84 5.02
C VAL A 130 -15.90 1.98 3.81
N LEU A 131 -16.30 2.65 2.74
CA LEU A 131 -16.48 2.01 1.46
C LEU A 131 -15.56 2.71 0.45
N ILE A 132 -15.21 2.00 -0.63
CA ILE A 132 -14.53 2.59 -1.75
C ILE A 132 -15.27 2.20 -3.03
N LEU A 133 -15.66 3.20 -3.82
CA LEU A 133 -16.24 2.98 -5.12
C LEU A 133 -15.09 3.23 -6.21
N ALA A 134 -14.78 2.20 -7.01
CA ALA A 134 -13.60 2.28 -7.91
C ALA A 134 -13.80 1.39 -9.11
N ASN A 135 -13.33 1.85 -10.26
CA ASN A 135 -13.46 1.07 -11.48
C ASN A 135 -12.35 0.02 -11.66
N SER A 136 -11.32 0.03 -10.83
CA SER A 136 -10.32 -1.02 -10.96
C SER A 136 -9.94 -1.63 -9.67
N PRO A 137 -9.94 -2.97 -9.59
CA PRO A 137 -9.56 -3.70 -8.36
C PRO A 137 -8.15 -3.35 -7.86
N ALA A 138 -7.31 -2.89 -8.73
CA ALA A 138 -6.02 -2.38 -8.33
C ALA A 138 -6.14 -1.22 -7.32
N SER A 139 -7.09 -0.32 -7.55
CA SER A 139 -7.37 0.71 -6.57
C SER A 139 -7.48 0.28 -5.10
N TYR A 140 -8.07 -0.89 -4.82
CA TYR A 140 -8.34 -1.35 -3.47
C TYR A 140 -7.81 -2.74 -3.13
N VAL A 141 -6.59 -3.05 -3.57
CA VAL A 141 -5.97 -4.35 -3.29
C VAL A 141 -5.81 -4.60 -1.84
N PHE A 142 -5.61 -3.55 -1.05
CA PHE A 142 -5.50 -3.77 0.40
C PHE A 142 -6.84 -4.00 1.10
N HIS A 143 -7.96 -3.70 0.41
CA HIS A 143 -9.24 -3.60 1.10
C HIS A 143 -10.30 -4.13 0.19
N PRO A 144 -10.14 -5.37 -0.27
CA PRO A 144 -11.10 -5.82 -1.23
C PRO A 144 -12.49 -5.99 -0.61
N ASP A 145 -12.60 -6.00 0.72
CA ASP A 145 -13.90 -6.30 1.36
C ASP A 145 -14.65 -5.01 1.66
N ASN A 146 -14.07 -3.87 1.22
CA ASN A 146 -14.60 -2.52 1.42
C ASN A 146 -15.10 -1.95 0.13
N ALA A 147 -15.09 -2.73 -0.92
CA ALA A 147 -15.17 -2.17 -2.31
C ALA A 147 -16.48 -2.38 -2.94
N VAL A 148 -16.87 -1.44 -3.78
CA VAL A 148 -18.06 -1.59 -4.58
C VAL A 148 -17.57 -1.35 -6.02
N PRO A 149 -17.33 -2.43 -6.80
CA PRO A 149 -16.78 -2.22 -8.16
C PRO A 149 -17.80 -1.46 -9.04
N VAL A 150 -17.33 -0.72 -10.02
CA VAL A 150 -18.22 -0.15 -11.02
C VAL A 150 -17.43 -0.29 -12.36
N ALA A 151 -18.09 -0.53 -13.46
CA ALA A 151 -17.38 -0.67 -14.71
C ALA A 151 -16.67 0.65 -15.12
N SER A 152 -15.54 0.56 -15.80
CA SER A 152 -14.86 1.75 -16.30
C SER A 152 -15.68 2.41 -17.32
N TRP A 153 -15.66 3.74 -17.31
CA TRP A 153 -16.48 4.51 -18.20
C TRP A 153 -15.62 5.43 -19.01
N PHE A 154 -15.95 5.56 -20.32
CA PHE A 154 -15.16 6.40 -21.22
C PHE A 154 -16.02 7.45 -21.92
N ASP A 155 -17.02 6.98 -22.64
CA ASP A 155 -17.92 7.88 -23.37
C ASP A 155 -19.30 7.26 -23.70
N ASN A 156 -19.62 6.09 -23.17
CA ASN A 156 -20.90 5.40 -23.50
C ASN A 156 -22.08 6.15 -22.86
N MET A 157 -22.80 6.94 -23.66
CA MET A 157 -23.86 7.77 -23.11
C MET A 157 -25.13 7.01 -22.65
N SER A 158 -25.18 5.69 -22.88
CA SER A 158 -26.26 4.82 -22.42
C SER A 158 -25.89 4.15 -21.11
N ASP A 159 -24.66 4.35 -20.62
CA ASP A 159 -24.32 3.83 -19.28
C ASP A 159 -25.38 4.25 -18.21
N THR A 160 -25.77 3.31 -17.34
CA THR A 160 -26.62 3.63 -16.17
C THR A 160 -26.07 3.02 -14.85
N GLU A 161 -24.80 2.69 -14.83
CA GLU A 161 -24.22 2.08 -13.65
C GLU A 161 -24.33 2.96 -12.42
N LEU A 162 -24.23 4.27 -12.58
CA LEU A 162 -24.27 5.10 -11.39
C LEU A 162 -25.71 5.13 -10.82
N HIS A 163 -26.71 5.28 -11.71
CA HIS A 163 -28.11 5.20 -11.35
C HIS A 163 -28.45 3.87 -10.70
N ASP A 164 -27.99 2.76 -11.25
CA ASP A 164 -28.34 1.46 -10.73
C ASP A 164 -27.62 1.02 -9.46
N LEU A 165 -26.52 1.70 -9.12
CA LEU A 165 -25.83 1.44 -7.86
C LEU A 165 -26.49 2.18 -6.69
N LEU A 166 -27.16 3.29 -6.96
CA LEU A 166 -27.76 4.08 -5.88
C LEU A 166 -28.61 3.26 -4.81
N PRO A 167 -29.50 2.36 -5.25
CA PRO A 167 -30.26 1.61 -4.22
C PRO A 167 -29.38 0.73 -3.39
N PHE A 168 -28.24 0.29 -3.91
CA PHE A 168 -27.33 -0.53 -3.12
C PHE A 168 -26.66 0.35 -2.10
N PHE A 169 -26.36 1.58 -2.50
CA PHE A 169 -25.74 2.56 -1.61
C PHE A 169 -26.71 3.01 -0.52
N GLU A 170 -27.91 3.28 -0.99
CA GLU A 170 -29.08 3.56 -0.14
C GLU A 170 -29.10 2.51 0.97
N GLN A 171 -28.98 1.23 0.64
CA GLN A 171 -28.87 0.19 1.69
C GLN A 171 -27.60 0.23 2.56
N LEU A 172 -26.44 0.39 1.92
CA LEU A 172 -25.19 0.38 2.69
C LEU A 172 -25.13 1.58 3.65
N SER A 173 -25.82 2.66 3.32
CA SER A 173 -25.69 3.89 4.09
C SER A 173 -26.19 3.72 5.50
N ARG A 174 -27.07 2.72 5.67
CA ARG A 174 -27.84 2.46 6.89
C ARG A 174 -27.32 1.30 7.75
N VAL A 175 -26.44 0.43 7.24
CA VAL A 175 -25.88 -0.64 8.08
C VAL A 175 -24.86 -0.10 9.05
N ASP A 176 -24.57 -0.86 10.09
CA ASP A 176 -23.60 -0.48 11.07
C ASP A 176 -22.21 -0.93 10.71
N ASP A 177 -22.13 -2.10 10.05
CA ASP A 177 -20.85 -2.70 9.69
C ASP A 177 -20.94 -3.13 8.22
N VAL A 178 -20.22 -2.44 7.34
CA VAL A 178 -20.29 -2.76 5.87
C VAL A 178 -19.82 -4.19 5.57
N TYR A 179 -18.96 -4.74 6.43
CA TYR A 179 -18.48 -6.10 6.23
C TYR A 179 -19.61 -7.12 6.35
N SER A 180 -20.69 -6.72 7.06
CA SER A 180 -21.84 -7.63 7.16
C SER A 180 -22.55 -7.77 5.81
N VAL A 181 -22.28 -6.88 4.86
CA VAL A 181 -22.91 -7.00 3.55
C VAL A 181 -21.94 -7.40 2.47
N LEU A 182 -20.67 -7.04 2.65
CA LEU A 182 -19.64 -7.26 1.63
C LEU A 182 -18.74 -8.45 2.02
N ARG A 183 -18.61 -8.72 3.32
CA ARG A 183 -18.17 -10.04 3.91
C ARG A 183 -16.72 -10.17 4.41
N GLN A 184 -16.41 -9.61 5.60
CA GLN A 184 -15.10 -9.77 6.31
C GLN A 184 -15.22 -9.46 7.83
N GLN B 5 18.07 12.32 8.32
CA GLN B 5 18.69 12.06 9.66
C GLN B 5 18.53 10.62 10.02
N TYR B 6 17.27 10.16 10.10
CA TYR B 6 17.00 8.74 10.32
C TYR B 6 16.72 8.04 9.00
N LEU B 7 16.88 6.73 9.04
CA LEU B 7 16.68 5.89 7.87
C LEU B 7 15.22 5.84 7.40
N LEU B 8 14.29 5.92 8.36
CA LEU B 8 12.85 5.86 8.09
C LEU B 8 12.22 7.15 8.43
N PRO B 9 11.10 7.50 7.76
CA PRO B 9 10.26 8.54 8.39
C PRO B 9 9.46 7.91 9.55
N GLU B 10 8.80 8.77 10.33
CA GLU B 10 7.89 8.31 11.44
C GLU B 10 6.86 7.30 10.88
N ALA B 11 6.51 6.28 11.66
CA ALA B 11 5.55 5.26 11.19
C ALA B 11 4.27 5.91 10.70
N LYS B 12 3.68 5.40 9.63
CA LYS B 12 2.35 5.89 9.28
C LYS B 12 1.40 5.70 10.51
N ALA B 13 0.47 6.61 10.69
CA ALA B 13 -0.70 6.48 11.61
C ALA B 13 -1.18 5.03 11.93
N GLN B 14 -1.54 4.25 10.92
CA GLN B 14 -2.06 2.91 11.18
C GLN B 14 -1.01 1.96 11.77
N ASP B 15 0.28 2.32 11.63
CA ASP B 15 1.40 1.47 12.08
C ASP B 15 1.96 1.91 13.43
N SER B 16 1.58 3.12 13.81
CA SER B 16 2.02 3.79 15.03
C SER B 16 2.14 2.91 16.28
N ASP B 17 1.20 1.99 16.48
CA ASP B 17 1.29 1.15 17.64
C ASP B 17 1.88 -0.23 17.35
N LYS B 18 2.36 -0.46 16.15
CA LYS B 18 2.93 -1.77 15.89
C LYS B 18 4.42 -1.83 16.17
N ILE B 19 4.84 -2.98 16.66
CA ILE B 19 6.27 -3.31 16.70
C ILE B 19 6.86 -3.27 15.24
N CYS B 20 8.07 -2.72 15.10
CA CYS B 20 8.77 -2.64 13.83
C CYS B 20 9.63 -3.84 13.67
N VAL B 21 9.40 -4.60 12.60
CA VAL B 21 10.21 -5.80 12.30
C VAL B 21 11.06 -5.58 11.04
N VAL B 22 12.38 -5.67 11.25
CA VAL B 22 13.37 -5.51 10.18
C VAL B 22 13.71 -6.88 9.67
N ILE B 23 13.60 -7.09 8.35
CA ILE B 23 13.85 -8.44 7.74
C ILE B 23 14.87 -8.37 6.64
N LEU B 25 17.06 -10.18 3.49
CA LEU B 25 16.58 -10.88 2.31
C LEU B 25 17.26 -12.26 2.10
N ASP B 26 18.57 -12.24 1.78
CA ASP B 26 19.26 -13.46 1.37
C ASP B 26 19.53 -14.47 2.44
N GLU B 27 19.19 -15.73 2.16
CA GLU B 27 19.36 -16.83 3.12
C GLU B 27 18.26 -16.84 4.21
N THR B 28 17.51 -15.73 4.30
CA THR B 28 16.41 -15.51 5.26
C THR B 28 15.08 -15.81 4.59
N LEU B 29 14.71 -15.02 3.59
CA LEU B 29 13.46 -15.18 2.81
C LEU B 29 13.62 -15.91 1.47
N VAL B 30 14.81 -15.74 0.87
CA VAL B 30 15.11 -16.26 -0.44
C VAL B 30 16.54 -16.73 -0.51
N HIS B 31 16.88 -17.44 -1.57
CA HIS B 31 18.28 -17.66 -1.90
C HIS B 31 18.52 -17.44 -3.40
N SER B 32 19.49 -16.60 -3.70
CA SER B 32 19.86 -16.18 -5.04
C SER B 32 21.25 -16.66 -5.40
N SER B 33 21.54 -16.71 -6.71
CA SER B 33 22.79 -17.22 -7.28
C SER B 33 22.85 -16.76 -8.74
N PHE B 34 24.05 -16.54 -9.29
CA PHE B 34 24.25 -16.33 -10.74
C PHE B 34 24.31 -17.66 -11.53
N LYS B 35 24.38 -18.77 -10.81
CA LYS B 35 24.43 -20.10 -11.40
C LYS B 35 23.08 -20.46 -11.86
N PRO B 36 22.91 -20.79 -13.14
CA PRO B 36 21.57 -21.20 -13.60
C PRO B 36 20.97 -22.43 -12.89
N VAL B 37 19.64 -22.41 -12.73
CA VAL B 37 18.84 -23.45 -12.04
C VAL B 37 17.54 -23.51 -12.82
N ASN B 38 16.87 -24.65 -12.82
CA ASN B 38 15.68 -24.75 -13.64
C ASN B 38 14.46 -24.16 -12.99
N ASN B 39 14.36 -24.32 -11.67
CA ASN B 39 13.15 -24.04 -10.92
C ASN B 39 13.18 -22.72 -10.18
N ALA B 40 13.95 -21.75 -10.62
CA ALA B 40 13.97 -20.47 -10.01
C ALA B 40 12.54 -19.88 -9.95
N ASP B 41 12.19 -19.30 -8.82
CA ASP B 41 10.90 -18.60 -8.73
C ASP B 41 11.00 -17.28 -9.42
N PHE B 42 12.13 -16.58 -9.27
CA PHE B 42 12.33 -15.32 -10.03
C PHE B 42 13.67 -15.34 -10.79
N ILE B 43 13.75 -14.64 -11.92
CA ILE B 43 14.98 -14.36 -12.56
C ILE B 43 15.10 -12.87 -12.73
N ILE B 44 16.17 -12.29 -12.24
CA ILE B 44 16.22 -10.88 -12.38
C ILE B 44 17.50 -10.42 -13.07
N PRO B 45 17.33 -9.50 -14.03
CA PRO B 45 18.49 -8.98 -14.73
C PRO B 45 19.17 -7.82 -13.99
N VAL B 46 20.47 -7.97 -13.76
CA VAL B 46 21.26 -6.96 -13.07
C VAL B 46 22.44 -6.49 -13.92
N GLU B 47 22.49 -5.20 -14.21
CA GLU B 47 23.51 -4.60 -15.01
C GLU B 47 24.68 -4.23 -14.08
N ILE B 48 25.79 -4.96 -14.25
CA ILE B 48 27.03 -4.65 -13.56
C ILE B 48 28.14 -4.22 -14.54
N ASP B 49 28.51 -2.94 -14.46
CA ASP B 49 29.43 -2.32 -15.41
C ASP B 49 29.09 -2.76 -16.83
N GLY B 50 28.02 -2.24 -17.43
CA GLY B 50 27.72 -2.51 -18.85
C GLY B 50 27.07 -3.86 -19.19
N VAL B 51 27.35 -4.90 -18.40
CA VAL B 51 26.87 -6.28 -18.65
C VAL B 51 25.59 -6.69 -17.87
N VAL B 52 24.60 -7.16 -18.59
CA VAL B 52 23.43 -7.65 -17.92
C VAL B 52 23.61 -9.12 -17.51
N HIS B 53 23.74 -9.37 -16.20
CA HIS B 53 23.66 -10.74 -15.62
C HIS B 53 22.32 -11.15 -15.05
N GLN B 54 22.14 -12.45 -14.91
CA GLN B 54 20.88 -13.02 -14.53
C GLN B 54 21.03 -13.62 -13.17
N VAL B 55 20.21 -13.16 -12.24
CA VAL B 55 20.21 -13.72 -10.90
C VAL B 55 19.02 -14.63 -10.78
N TYR B 56 19.28 -15.85 -10.33
CA TYR B 56 18.24 -16.85 -10.16
C TYR B 56 17.86 -16.87 -8.71
N VAL B 57 16.57 -16.72 -8.46
CA VAL B 57 16.06 -16.58 -7.10
C VAL B 57 14.98 -17.62 -6.76
N LEU B 58 15.28 -18.34 -5.68
CA LEU B 58 14.42 -19.33 -5.04
C LEU B 58 13.76 -18.78 -3.75
N LYS B 59 12.45 -18.96 -3.69
CA LYS B 59 11.66 -18.62 -2.52
C LYS B 59 11.79 -19.70 -1.45
N ARG B 60 12.16 -19.32 -0.24
CA ARG B 60 12.00 -20.19 0.91
C ARG B 60 10.51 -20.60 1.11
N PRO B 61 10.23 -21.88 1.43
CA PRO B 61 8.84 -22.36 1.62
C PRO B 61 8.11 -21.56 2.68
N HIS B 62 6.85 -21.22 2.41
CA HIS B 62 5.96 -20.54 3.34
C HIS B 62 6.28 -19.09 3.51
N VAL B 63 7.19 -18.59 2.65
CA VAL B 63 7.51 -17.17 2.63
C VAL B 63 6.23 -16.30 2.40
N ASP B 64 5.33 -16.74 1.54
CA ASP B 64 4.10 -15.96 1.19
C ASP B 64 3.14 -15.84 2.36
N GLU B 65 2.86 -16.98 3.03
CA GLU B 65 2.02 -16.99 4.20
C GLU B 65 2.66 -16.09 5.26
N PHE B 66 3.98 -16.19 5.34
CA PHE B 66 4.78 -15.58 6.37
C PHE B 66 4.75 -14.12 6.18
N LEU B 67 4.89 -13.67 4.95
CA LEU B 67 4.97 -12.26 4.75
C LEU B 67 3.61 -11.57 4.87
N GLN B 68 2.52 -12.25 4.49
CA GLN B 68 1.18 -11.60 4.53
C GLN B 68 0.81 -11.34 5.98
N ARG B 69 1.13 -12.36 6.78
CA ARG B 69 0.82 -12.37 8.17
C ARG B 69 1.65 -11.33 8.93
N MET B 70 2.98 -11.41 8.83
CA MET B 70 3.86 -10.44 9.42
C MET B 70 3.46 -9.04 9.03
N GLY B 71 3.00 -8.85 7.81
CA GLY B 71 2.56 -7.55 7.36
C GLY B 71 1.33 -7.02 8.06
N GLU B 72 0.45 -7.91 8.54
CA GLU B 72 -0.72 -7.52 9.37
C GLU B 72 -0.22 -7.27 10.82
N LEU B 73 0.63 -8.17 11.34
CA LEU B 73 1.15 -8.04 12.72
C LEU B 73 2.12 -6.87 13.04
N PHE B 74 2.95 -6.43 12.08
CA PHE B 74 4.02 -5.49 12.41
C PHE B 74 4.19 -4.44 11.36
N GLU B 75 5.06 -3.47 11.61
CA GLU B 75 5.48 -2.55 10.57
C GLU B 75 6.74 -3.19 10.01
N CYS B 76 6.62 -3.87 8.86
CA CYS B 76 7.72 -4.68 8.36
C CYS B 76 8.67 -3.76 7.54
N VAL B 77 9.98 -3.88 7.78
CA VAL B 77 10.99 -3.15 7.02
C VAL B 77 12.01 -4.14 6.45
N LEU B 78 12.24 -3.98 5.14
CA LEU B 78 13.26 -4.74 4.47
C LEU B 78 14.56 -3.98 4.67
N PHE B 79 15.53 -4.67 5.24
CA PHE B 79 16.82 -4.01 5.50
C PHE B 79 17.84 -5.01 5.03
N THR B 80 18.65 -4.62 4.07
CA THR B 80 19.50 -5.67 3.50
C THR B 80 20.86 -5.15 3.11
N ALA B 81 21.84 -6.06 3.15
CA ALA B 81 23.19 -5.72 2.73
C ALA B 81 23.40 -5.78 1.19
N SER B 82 22.37 -6.19 0.41
CA SER B 82 22.40 -6.26 -1.06
C SER B 82 22.20 -4.91 -1.63
N LEU B 83 22.62 -4.78 -2.89
CA LEU B 83 22.32 -3.58 -3.64
C LEU B 83 20.86 -3.55 -4.13
N ALA B 84 20.35 -2.33 -4.23
CA ALA B 84 19.00 -2.09 -4.70
C ALA B 84 18.73 -2.82 -6.02
N LYS B 85 19.67 -2.77 -6.95
CA LYS B 85 19.45 -3.30 -8.32
C LYS B 85 19.19 -4.76 -8.28
N TYR B 86 19.59 -5.41 -7.20
CA TYR B 86 19.15 -6.78 -6.92
C TYR B 86 17.91 -6.84 -5.98
N ALA B 87 17.99 -6.21 -4.79
CA ALA B 87 17.02 -6.45 -3.70
C ALA B 87 15.67 -5.76 -4.00
N ASP B 88 15.72 -4.58 -4.59
CA ASP B 88 14.49 -3.91 -4.92
C ASP B 88 13.56 -4.64 -5.94
N PRO B 89 14.10 -5.18 -7.05
CA PRO B 89 13.17 -5.95 -7.90
C PRO B 89 12.70 -7.22 -7.20
N VAL B 90 13.51 -7.85 -6.37
CA VAL B 90 13.03 -9.09 -5.69
C VAL B 90 11.84 -8.79 -4.71
N ALA B 91 11.95 -7.71 -3.95
CA ALA B 91 10.94 -7.35 -2.97
C ALA B 91 9.69 -6.97 -3.76
N ASP B 92 9.83 -6.25 -4.88
CA ASP B 92 8.69 -6.04 -5.80
C ASP B 92 7.98 -7.31 -6.13
N LEU B 93 8.71 -8.39 -6.40
CA LEU B 93 8.06 -9.63 -6.92
C LEU B 93 7.60 -10.51 -5.79
N LEU B 94 8.27 -10.40 -4.64
CA LEU B 94 7.96 -11.25 -3.47
C LEU B 94 6.75 -10.69 -2.68
N ASP B 95 6.78 -9.38 -2.47
CA ASP B 95 5.85 -8.81 -1.53
C ASP B 95 4.55 -8.48 -2.22
N LYS B 96 3.73 -9.49 -2.49
CA LYS B 96 2.46 -9.16 -3.15
C LYS B 96 1.46 -8.35 -2.25
N TRP B 97 1.67 -8.26 -0.95
CA TRP B 97 0.66 -7.65 -0.08
C TRP B 97 1.05 -6.31 0.47
N GLY B 98 2.22 -5.80 0.15
CA GLY B 98 2.64 -4.56 0.73
C GLY B 98 3.05 -4.76 2.18
N ALA B 99 3.50 -5.93 2.57
CA ALA B 99 4.02 -6.02 3.92
C ALA B 99 5.13 -4.99 4.20
N PHE B 100 6.02 -4.71 3.23
CA PHE B 100 7.19 -3.90 3.56
C PHE B 100 6.83 -2.43 3.48
N ARG B 101 6.81 -1.74 4.62
CA ARG B 101 6.45 -0.32 4.58
C ARG B 101 7.62 0.50 4.04
N ALA B 102 8.82 -0.07 4.15
CA ALA B 102 10.04 0.55 3.63
C ALA B 102 11.09 -0.53 3.29
N ARG B 103 12.11 -0.10 2.56
CA ARG B 103 13.22 -0.97 2.07
C ARG B 103 14.53 -0.23 2.18
N LEU B 104 15.44 -0.89 2.86
CA LEU B 104 16.73 -0.34 2.99
C LEU B 104 17.80 -1.34 2.51
N PHE B 105 18.81 -0.75 1.85
CA PHE B 105 19.80 -1.56 1.08
C PHE B 105 21.16 -1.33 1.62
N ARG B 106 22.15 -1.85 0.91
CA ARG B 106 23.54 -1.76 1.36
C ARG B 106 24.05 -0.37 1.80
N GLU B 107 23.75 0.74 1.10
CA GLU B 107 24.17 2.07 1.60
C GLU B 107 23.58 2.47 2.99
N SER B 108 22.50 1.82 3.44
CA SER B 108 21.94 2.14 4.72
C SER B 108 22.61 1.32 5.81
N CYS B 109 23.24 0.22 5.43
CA CYS B 109 24.02 -0.55 6.39
C CYS B 109 25.29 0.20 6.84
N VAL B 110 25.84 -0.22 7.96
CA VAL B 110 27.07 0.36 8.46
C VAL B 110 28.12 -0.71 8.29
N PHE B 111 29.13 -0.40 7.48
CA PHE B 111 30.24 -1.34 7.22
C PHE B 111 31.27 -1.21 8.33
N HIS B 112 31.45 -2.31 9.03
CA HIS B 112 32.15 -2.29 10.26
C HIS B 112 32.78 -3.65 10.51
N ARG B 113 34.12 -3.61 10.68
CA ARG B 113 34.91 -4.81 11.01
C ARG B 113 34.72 -5.92 9.96
N GLY B 114 34.76 -5.52 8.68
CA GLY B 114 34.52 -6.47 7.57
C GLY B 114 33.08 -6.85 7.21
N ASN B 115 32.10 -6.50 8.04
CA ASN B 115 30.70 -6.87 7.81
C ASN B 115 29.74 -5.70 7.64
N TYR B 116 28.64 -5.98 6.95
CA TYR B 116 27.56 -5.01 6.78
C TYR B 116 26.57 -5.23 7.90
N VAL B 117 26.54 -4.23 8.79
CA VAL B 117 25.72 -4.25 10.01
C VAL B 117 24.42 -3.47 9.86
N LYS B 118 23.34 -4.13 10.26
CA LYS B 118 22.03 -3.46 10.34
C LYS B 118 21.99 -2.62 11.65
N ASP B 119 22.35 -1.34 11.54
CA ASP B 119 22.32 -0.51 12.72
C ASP B 119 20.90 0.01 13.04
N LEU B 120 20.18 -0.79 13.83
CA LEU B 120 18.79 -0.50 14.27
C LEU B 120 18.65 0.89 14.88
N SER B 121 19.61 1.33 15.66
CA SER B 121 19.59 2.71 16.13
C SER B 121 19.40 3.74 15.03
N ARG B 122 19.62 3.40 13.75
CA ARG B 122 19.46 4.44 12.69
C ARG B 122 18.01 4.54 12.15
N LEU B 123 17.21 3.57 12.55
CA LEU B 123 15.82 3.50 12.20
C LEU B 123 14.95 4.70 12.71
N GLY B 124 15.03 5.05 14.01
CA GLY B 124 14.17 6.13 14.55
C GLY B 124 12.92 5.43 15.01
N ARG B 125 13.15 4.35 15.72
CA ARG B 125 12.12 3.53 16.25
C ARG B 125 12.64 3.12 17.68
N ASP B 126 11.73 2.76 18.56
CA ASP B 126 12.11 2.61 19.92
C ASP B 126 12.47 1.15 19.99
N LEU B 127 13.68 0.89 20.49
CA LEU B 127 14.23 -0.42 20.36
C LEU B 127 13.56 -1.50 21.22
N ARG B 128 12.75 -1.07 22.21
CA ARG B 128 11.95 -2.07 22.95
C ARG B 128 10.81 -2.56 22.06
N ARG B 129 10.58 -1.79 20.99
CA ARG B 129 9.58 -2.11 19.96
C ARG B 129 10.21 -2.25 18.53
N VAL B 130 11.42 -2.87 18.48
CA VAL B 130 12.07 -3.29 17.21
C VAL B 130 12.47 -4.75 17.27
N LEU B 131 12.19 -5.53 16.21
CA LEU B 131 12.84 -6.85 16.01
C LEU B 131 13.68 -6.88 14.71
N ILE B 132 14.73 -7.69 14.72
CA ILE B 132 15.45 -8.02 13.52
C ILE B 132 15.33 -9.52 13.30
N LEU B 133 14.70 -9.92 12.20
CA LEU B 133 14.74 -11.34 11.75
C LEU B 133 15.94 -11.50 10.78
N ALA B 134 16.91 -12.34 11.15
CA ALA B 134 18.14 -12.45 10.36
C ALA B 134 18.90 -13.79 10.49
N ASN B 135 19.46 -14.29 9.40
CA ASN B 135 20.10 -15.60 9.43
C ASN B 135 21.55 -15.50 9.95
N SER B 136 22.11 -14.29 9.98
CA SER B 136 23.50 -14.10 10.41
C SER B 136 23.69 -13.19 11.62
N PRO B 137 24.25 -13.73 12.74
CA PRO B 137 24.59 -12.89 13.89
C PRO B 137 25.33 -11.58 13.56
N ALA B 138 26.25 -11.60 12.60
CA ALA B 138 26.98 -10.37 12.19
C ALA B 138 26.16 -9.15 11.72
N SER B 139 24.96 -9.39 11.20
CA SER B 139 24.10 -8.32 10.69
C SER B 139 23.60 -7.46 11.82
N TYR B 140 23.51 -8.06 13.00
CA TYR B 140 22.94 -7.41 14.18
C TYR B 140 23.88 -7.32 15.41
N VAL B 141 25.20 -7.26 15.19
CA VAL B 141 26.16 -7.18 16.32
C VAL B 141 25.93 -6.02 17.26
N PHE B 142 25.56 -4.86 16.73
CA PHE B 142 25.14 -3.73 17.59
C PHE B 142 23.84 -3.89 18.47
N HIS B 143 23.03 -4.94 18.26
CA HIS B 143 21.72 -5.08 18.93
C HIS B 143 21.28 -6.50 19.02
N PRO B 144 22.11 -7.38 19.60
CA PRO B 144 21.90 -8.84 19.52
C PRO B 144 20.73 -9.34 20.39
N ASP B 145 20.19 -8.45 21.21
CA ASP B 145 19.09 -8.83 22.03
C ASP B 145 17.75 -8.46 21.40
N ASN B 146 17.76 -7.74 20.25
CA ASN B 146 16.57 -7.60 19.37
C ASN B 146 16.38 -8.65 18.32
N ALA B 147 17.11 -9.74 18.39
CA ALA B 147 17.15 -10.61 17.24
C ALA B 147 16.27 -11.81 17.42
N VAL B 148 15.61 -12.20 16.33
CA VAL B 148 15.01 -13.49 16.27
C VAL B 148 15.82 -14.32 15.25
N PRO B 149 16.68 -15.24 15.70
CA PRO B 149 17.51 -15.92 14.72
C PRO B 149 16.72 -16.88 13.86
N VAL B 150 17.11 -16.98 12.58
CA VAL B 150 16.54 -17.95 11.66
C VAL B 150 17.68 -18.65 10.90
N ALA B 151 17.63 -19.96 10.80
CA ALA B 151 18.63 -20.71 10.08
C ALA B 151 18.84 -20.24 8.62
N SER B 152 20.12 -20.14 8.26
CA SER B 152 20.50 -19.83 6.90
C SER B 152 19.80 -20.83 5.99
N TRP B 153 19.13 -20.31 4.96
CA TRP B 153 18.42 -21.18 4.02
C TRP B 153 19.02 -21.06 2.62
N PHE B 154 19.14 -22.19 1.94
CA PHE B 154 19.74 -22.25 0.61
C PHE B 154 18.83 -22.91 -0.40
N ASP B 155 18.46 -24.15 -0.20
CA ASP B 155 17.58 -24.78 -1.15
C ASP B 155 16.77 -25.94 -0.57
N ASN B 156 16.83 -26.18 0.74
CA ASN B 156 16.08 -27.31 1.34
C ASN B 156 14.57 -27.10 1.32
N MET B 157 13.87 -27.82 0.44
CA MET B 157 12.50 -27.40 0.14
C MET B 157 11.46 -27.97 1.11
N SER B 158 11.94 -28.59 2.18
CA SER B 158 11.08 -29.15 3.19
C SER B 158 11.40 -28.37 4.48
N ASP B 159 12.09 -27.24 4.31
CA ASP B 159 12.24 -26.25 5.36
C ASP B 159 10.87 -25.71 5.77
N THR B 160 10.66 -25.63 7.08
CA THR B 160 9.42 -25.17 7.68
C THR B 160 9.69 -24.02 8.69
N GLU B 161 10.94 -23.55 8.78
CA GLU B 161 11.28 -22.56 9.80
C GLU B 161 10.44 -21.26 9.76
N LEU B 162 9.97 -20.83 8.59
CA LEU B 162 9.17 -19.61 8.55
C LEU B 162 7.72 -19.78 9.04
N HIS B 163 7.10 -20.92 8.70
CA HIS B 163 5.78 -21.32 9.21
C HIS B 163 5.84 -21.55 10.72
N ASP B 164 6.79 -22.37 11.13
CA ASP B 164 6.97 -22.71 12.53
C ASP B 164 7.32 -21.51 13.41
N LEU B 165 7.61 -20.36 12.82
CA LEU B 165 7.95 -19.17 13.61
C LEU B 165 6.76 -18.22 13.80
N LEU B 166 5.68 -18.42 13.05
CA LEU B 166 4.58 -17.48 13.16
C LEU B 166 3.90 -17.47 14.56
N PRO B 167 3.74 -18.65 15.21
CA PRO B 167 3.25 -18.66 16.63
C PRO B 167 4.03 -17.70 17.57
N PHE B 168 5.34 -17.91 17.71
CA PHE B 168 6.23 -16.94 18.38
C PHE B 168 5.95 -15.44 18.06
N PHE B 169 5.65 -15.16 16.78
CA PHE B 169 5.42 -13.77 16.36
C PHE B 169 4.07 -13.18 16.71
N GLU B 170 3.03 -14.00 16.58
CA GLU B 170 1.67 -13.69 17.09
C GLU B 170 1.82 -13.22 18.54
N GLN B 171 2.36 -14.11 19.37
CA GLN B 171 2.71 -13.85 20.77
C GLN B 171 3.47 -12.55 20.89
N LEU B 172 4.62 -12.41 20.23
CA LEU B 172 5.45 -11.20 20.34
C LEU B 172 4.80 -9.88 19.95
N SER B 173 3.88 -9.95 18.99
CA SER B 173 3.21 -8.78 18.45
C SER B 173 2.40 -8.02 19.53
N ARG B 174 2.10 -8.68 20.66
CA ARG B 174 1.29 -7.97 21.67
C ARG B 174 1.95 -7.74 23.03
N VAL B 175 3.28 -7.71 23.07
CA VAL B 175 4.00 -7.25 24.26
C VAL B 175 4.36 -5.79 24.06
N ASP B 176 4.66 -5.12 25.18
CA ASP B 176 5.03 -3.69 25.17
C ASP B 176 6.53 -3.47 24.88
N ASP B 177 7.32 -4.48 25.25
CA ASP B 177 8.77 -4.39 25.32
C ASP B 177 9.26 -5.76 24.87
N VAL B 178 9.90 -5.81 23.70
CA VAL B 178 10.42 -7.08 23.18
C VAL B 178 11.52 -7.67 24.04
N TYR B 179 12.18 -6.84 24.83
CA TYR B 179 13.22 -7.37 25.68
C TYR B 179 12.67 -8.29 26.80
N SER B 180 11.39 -8.10 27.17
CA SER B 180 10.78 -8.96 28.17
C SER B 180 10.79 -10.45 27.73
N VAL B 181 10.72 -10.71 26.43
CA VAL B 181 10.82 -12.09 25.93
C VAL B 181 12.22 -12.49 25.41
N LEU B 182 13.06 -11.48 25.09
CA LEU B 182 14.43 -11.70 24.59
C LEU B 182 15.56 -11.35 25.60
N ARG B 183 15.17 -10.76 26.74
CA ARG B 183 16.01 -10.43 27.91
C ARG B 183 16.97 -9.25 27.66
N GLN B 184 17.38 -8.55 28.73
CA GLN B 184 18.36 -7.40 28.71
C GLN B 184 17.90 -6.07 29.39
#